data_7KWA
#
_entry.id   7KWA
#
_cell.length_a   35.233
_cell.length_b   97.057
_cell.length_c   59.837
_cell.angle_alpha   90.000
_cell.angle_beta   106.110
_cell.angle_gamma   90.000
#
_symmetry.space_group_name_H-M   'P 1 21 1'
#
loop_
_entity.id
_entity.type
_entity.pdbx_description
1 polymer 'Endolysin,DCN1-like protein 1'
2 non-polymer N-[(4S,5S)-3-(aminomethyl)-7-ethyl-4-(4-fluorophenyl)-6-oxo-1-phenyl-4,5,6,7-tetrahydro-1H-pyrazolo[3,4-b]pyridin-5-yl]-3-(trifluoromethyl)benzamide
3 water water
#
_entity_poly.entity_id   1
_entity_poly.type   'polypeptide(L)'
_entity_poly.pdbx_seq_one_letter_code
;MGSSHHHHHHSQDLENLYFQGSMNIFEMLRIDEGLRLKIYKDTEGYYTIGIGHLLTKSPSLNAAKSELDKAIGRNTNGVI
TKDEAEKLFNQDVDAAVRGILRNAKLKPVYDSLDAVRRAALINMVFQMGETGVAGFTNSLRMLQQKRWDEAAVNLAKSRW
YNQTPNRTKRVITTFRTGTWDAYKNLRKKLEQLYNRYKDPQDENKIGIDGIQQFCDDLALDPASISVLIIAWKFRAATQC
EFSKQEFMDGMTELGCDSIEKLKAQIPKMEQELKEPGRFKDFYQFTFNFAKNPGQKGLDLEMAIAYWNLVLNGRFKFLDL
WNKFLLEHHKRSIPKDTWNLLLDFSTMIADDMSNYDEEGAWPVLIDDFVEFARPQIAGTKSTTV
;
_entity_poly.pdbx_strand_id   A
#
# COMPACT_ATOMS: atom_id res chain seq x y z
N HIS A 10 -19.83 -8.73 25.70
CA HIS A 10 -20.07 -7.62 24.74
C HIS A 10 -20.58 -8.19 23.43
N SER A 11 -21.44 -7.41 22.76
CA SER A 11 -22.10 -7.90 21.55
C SER A 11 -21.09 -8.22 20.45
N GLN A 12 -20.06 -7.38 20.28
CA GLN A 12 -19.12 -7.53 19.18
C GLN A 12 -17.97 -8.48 19.50
N ASP A 13 -17.98 -9.14 20.67
CA ASP A 13 -16.88 -10.02 21.04
C ASP A 13 -16.70 -11.10 19.98
N LEU A 14 -15.44 -11.29 19.54
CA LEU A 14 -15.19 -12.30 18.54
C LEU A 14 -15.40 -13.70 19.09
N GLU A 15 -15.37 -13.86 20.43
CA GLU A 15 -15.71 -15.16 21.03
C GLU A 15 -17.10 -15.62 20.63
N ASN A 16 -18.00 -14.68 20.33
CA ASN A 16 -19.34 -15.04 19.87
C ASN A 16 -19.35 -15.65 18.49
N LEU A 17 -18.22 -15.64 17.78
CA LEU A 17 -18.10 -16.22 16.44
C LEU A 17 -17.29 -17.51 16.45
N TYR A 18 -16.87 -17.99 17.63
CA TYR A 18 -15.97 -19.12 17.66
C TYR A 18 -16.63 -20.38 17.12
N PHE A 19 -17.96 -20.43 17.03
CA PHE A 19 -18.64 -21.58 16.44
C PHE A 19 -18.49 -21.60 14.93
N GLN A 20 -18.13 -20.48 14.32
CA GLN A 20 -17.94 -20.44 12.87
C GLN A 20 -16.62 -21.12 12.51
N GLY A 21 -16.37 -21.26 11.19
CA GLY A 21 -15.05 -21.63 10.75
C GLY A 21 -14.05 -20.52 10.97
N SER A 22 -12.77 -20.90 10.98
CA SER A 22 -11.71 -19.90 11.06
C SER A 22 -11.66 -19.04 9.81
N MET A 23 -11.97 -19.61 8.64
CA MET A 23 -12.06 -18.80 7.43
C MET A 23 -13.43 -18.14 7.41
N ASN A 24 -13.44 -16.83 7.13
CA ASN A 24 -14.66 -16.05 7.19
C ASN A 24 -14.53 -14.86 6.25
N ILE A 25 -15.58 -14.03 6.23
CA ILE A 25 -15.62 -12.89 5.32
C ILE A 25 -14.51 -11.90 5.65
N PHE A 26 -14.19 -11.69 6.93
CA PHE A 26 -13.07 -10.82 7.27
C PHE A 26 -11.75 -11.33 6.69
N GLU A 27 -11.42 -12.59 6.91
CA GLU A 27 -10.20 -13.13 6.36
C GLU A 27 -10.21 -13.14 4.84
N MET A 28 -11.38 -13.28 4.22
CA MET A 28 -11.52 -13.20 2.77
C MET A 28 -11.16 -11.82 2.25
N LEU A 29 -11.72 -10.76 2.84
CA LEU A 29 -11.41 -9.41 2.41
C LEU A 29 -10.03 -8.98 2.88
N ARG A 30 -9.49 -9.58 3.94
CA ARG A 30 -8.09 -9.36 4.27
C ARG A 30 -7.19 -9.77 3.10
N ILE A 31 -7.56 -10.85 2.41
CA ILE A 31 -6.79 -11.33 1.25
C ILE A 31 -7.07 -10.52 0.01
N ASP A 32 -8.34 -10.09 -0.16
CA ASP A 32 -8.74 -9.51 -1.44
C ASP A 32 -8.55 -8.01 -1.51
N GLU A 33 -8.67 -7.34 -0.36
CA GLU A 33 -8.53 -5.88 -0.29
C GLU A 33 -7.36 -5.45 0.57
N GLY A 34 -7.09 -6.16 1.65
CA GLY A 34 -5.99 -5.86 2.54
C GLY A 34 -6.44 -5.20 3.84
N LEU A 35 -5.57 -5.26 4.83
CA LEU A 35 -5.86 -4.80 6.17
C LEU A 35 -4.82 -3.78 6.61
N ARG A 36 -5.29 -2.61 7.07
CA ARG A 36 -4.42 -1.55 7.57
C ARG A 36 -4.78 -1.26 9.00
N LEU A 37 -3.79 -1.32 9.89
CA LEU A 37 -4.05 -1.11 11.31
C LEU A 37 -3.75 0.30 11.80
N LYS A 38 -3.33 1.20 10.91
CA LYS A 38 -3.08 2.59 11.25
C LYS A 38 -3.86 3.47 10.28
N ILE A 39 -4.36 4.60 10.78
CA ILE A 39 -5.15 5.50 9.95
C ILE A 39 -4.33 5.85 8.70
N TYR A 40 -4.99 5.86 7.56
CA TYR A 40 -4.36 6.28 6.31
C TYR A 40 -5.39 6.98 5.45
N LYS A 41 -4.91 7.66 4.41
CA LYS A 41 -5.77 8.31 3.44
C LYS A 41 -6.01 7.40 2.25
N ASP A 42 -7.26 7.26 1.85
CA ASP A 42 -7.62 6.40 0.73
C ASP A 42 -7.38 7.14 -0.58
N THR A 43 -7.93 6.61 -1.67
CA THR A 43 -7.73 7.22 -2.99
C THR A 43 -8.31 8.62 -3.06
N GLU A 44 -9.45 8.84 -2.40
CA GLU A 44 -10.09 10.14 -2.38
C GLU A 44 -9.48 11.08 -1.34
N GLY A 45 -8.46 10.66 -0.62
CA GLY A 45 -7.84 11.51 0.39
C GLY A 45 -8.51 11.48 1.75
N TYR A 46 -9.36 10.50 2.02
CA TYR A 46 -10.16 10.46 3.24
C TYR A 46 -9.56 9.48 4.25
N TYR A 47 -9.64 9.84 5.52
CA TYR A 47 -9.10 9.00 6.58
C TYR A 47 -9.86 7.68 6.71
N THR A 48 -9.11 6.58 6.68
CA THR A 48 -9.64 5.21 6.65
C THR A 48 -8.77 4.33 7.54
N ILE A 49 -9.36 3.22 7.98
CA ILE A 49 -8.60 2.23 8.74
C ILE A 49 -9.20 0.86 8.57
N GLY A 50 -8.47 -0.14 9.00
CA GLY A 50 -9.02 -1.50 8.98
C GLY A 50 -9.10 -2.04 7.55
N ILE A 51 -10.23 -2.63 7.22
CA ILE A 51 -10.51 -3.03 5.84
C ILE A 51 -11.47 -1.99 5.27
N GLY A 52 -10.91 -0.93 4.71
CA GLY A 52 -11.70 0.07 3.99
C GLY A 52 -12.75 0.79 4.80
N HIS A 53 -12.56 0.92 6.11
CA HIS A 53 -13.57 1.56 6.94
C HIS A 53 -13.32 3.06 6.94
N LEU A 54 -14.18 3.78 6.24
CA LEU A 54 -14.09 5.24 6.16
C LEU A 54 -14.44 5.83 7.51
N LEU A 55 -13.53 6.64 8.07
CA LEU A 55 -13.75 7.27 9.37
C LEU A 55 -14.45 8.62 9.24
N THR A 56 -14.05 9.43 8.29
CA THR A 56 -14.61 10.75 8.12
C THR A 56 -14.12 11.32 6.80
N LYS A 57 -14.88 12.29 6.28
CA LYS A 57 -14.43 13.08 5.14
C LYS A 57 -13.71 14.34 5.57
N SER A 58 -13.54 14.54 6.88
CA SER A 58 -12.89 15.72 7.41
C SER A 58 -11.39 15.70 7.06
N PRO A 59 -10.80 16.87 6.80
CA PRO A 59 -9.34 16.92 6.59
C PRO A 59 -8.54 16.84 7.87
N SER A 60 -9.19 16.89 9.03
CA SER A 60 -8.50 16.90 10.32
C SER A 60 -8.24 15.47 10.77
N LEU A 61 -6.97 15.15 11.00
CA LEU A 61 -6.64 13.83 11.55
C LEU A 61 -7.21 13.66 12.94
N ASN A 62 -7.27 14.74 13.74
CA ASN A 62 -7.88 14.60 15.06
C ASN A 62 -9.38 14.27 14.95
N ALA A 63 -10.06 14.81 13.94
CA ALA A 63 -11.44 14.42 13.71
C ALA A 63 -11.55 12.94 13.40
N ALA A 64 -10.58 12.41 12.63
CA ALA A 64 -10.59 10.99 12.30
C ALA A 64 -10.35 10.14 13.54
N LYS A 65 -9.41 10.57 14.39
CA LYS A 65 -9.16 9.83 15.63
C LYS A 65 -10.36 9.86 16.55
N SER A 66 -11.10 10.99 16.56
CA SER A 66 -12.29 11.09 17.41
C SER A 66 -13.33 10.06 16.98
N GLU A 67 -13.53 9.91 15.67
CA GLU A 67 -14.52 8.96 15.21
C GLU A 67 -14.06 7.55 15.50
N LEU A 68 -12.74 7.29 15.35
CA LEU A 68 -12.21 5.96 15.60
C LEU A 68 -12.38 5.59 17.06
N ASP A 69 -12.18 6.54 17.96
CA ASP A 69 -12.37 6.27 19.38
C ASP A 69 -13.83 5.93 19.71
N LYS A 70 -14.78 6.61 19.08
CA LYS A 70 -16.18 6.29 19.31
C LYS A 70 -16.51 4.87 18.84
N ALA A 71 -15.95 4.45 17.71
CA ALA A 71 -16.28 3.16 17.15
C ALA A 71 -15.57 2.03 17.88
N ILE A 72 -14.33 2.25 18.29
CA ILE A 72 -13.56 1.17 18.92
C ILE A 72 -13.87 1.10 20.41
N GLY A 73 -14.13 2.24 21.04
CA GLY A 73 -14.40 2.28 22.46
C GLY A 73 -13.21 2.61 23.33
N ARG A 74 -12.15 3.18 22.77
CA ARG A 74 -10.97 3.56 23.55
C ARG A 74 -10.19 4.61 22.80
N ASN A 75 -9.27 5.27 23.52
CA ASN A 75 -8.37 6.22 22.89
C ASN A 75 -7.27 5.44 22.17
N THR A 76 -7.44 5.26 20.86
CA THR A 76 -6.52 4.47 20.06
C THR A 76 -5.35 5.27 19.50
N ASN A 77 -5.49 6.59 19.41
CA ASN A 77 -4.49 7.46 18.77
C ASN A 77 -4.12 6.95 17.38
N GLY A 78 -5.13 6.45 16.67
CA GLY A 78 -4.99 6.10 15.26
C GLY A 78 -4.47 4.73 14.94
N VAL A 79 -4.32 3.86 15.94
CA VAL A 79 -3.79 2.52 15.73
C VAL A 79 -4.68 1.50 16.42
N ILE A 80 -5.05 0.43 15.72
CA ILE A 80 -5.91 -0.60 16.27
C ILE A 80 -5.27 -1.97 16.05
N THR A 81 -5.83 -2.96 16.70
CA THR A 81 -5.38 -4.33 16.53
C THR A 81 -6.18 -5.02 15.42
N LYS A 82 -5.68 -6.19 14.99
CA LYS A 82 -6.42 -6.97 14.00
C LYS A 82 -7.81 -7.35 14.49
N ASP A 83 -7.92 -7.81 15.74
CA ASP A 83 -9.23 -8.13 16.30
C ASP A 83 -10.15 -6.89 16.32
N GLU A 84 -9.60 -5.72 16.65
CA GLU A 84 -10.44 -4.52 16.62
C GLU A 84 -10.90 -4.21 15.21
N ALA A 85 -10.02 -4.42 14.23
CA ALA A 85 -10.41 -4.22 12.84
C ALA A 85 -11.50 -5.19 12.38
N GLU A 86 -11.48 -6.42 12.90
CA GLU A 86 -12.53 -7.37 12.55
C GLU A 86 -13.87 -6.96 13.15
N LYS A 87 -13.88 -6.50 14.40
CA LYS A 87 -15.13 -5.96 14.97
C LYS A 87 -15.68 -4.82 14.12
N LEU A 88 -14.82 -3.90 13.72
CA LEU A 88 -15.27 -2.81 12.86
C LEU A 88 -15.80 -3.34 11.54
N PHE A 89 -15.08 -4.28 10.94
CA PHE A 89 -15.53 -4.86 9.69
C PHE A 89 -16.85 -5.61 9.84
N ASN A 90 -17.00 -6.36 10.93
CA ASN A 90 -18.23 -7.13 11.08
C ASN A 90 -19.45 -6.22 11.17
N GLN A 91 -19.30 -5.04 11.77
CA GLN A 91 -20.39 -4.06 11.76
C GLN A 91 -20.71 -3.64 10.34
N ASP A 92 -19.68 -3.39 9.52
CA ASP A 92 -19.90 -3.02 8.12
C ASP A 92 -20.58 -4.14 7.35
N VAL A 93 -20.20 -5.38 7.61
CA VAL A 93 -20.85 -6.53 6.97
C VAL A 93 -22.34 -6.60 7.33
N ASP A 94 -22.65 -6.41 8.60
CA ASP A 94 -24.06 -6.44 9.01
C ASP A 94 -24.84 -5.40 8.22
N ALA A 95 -24.29 -4.18 8.07
CA ALA A 95 -24.99 -3.15 7.33
C ALA A 95 -25.16 -3.55 5.86
N ALA A 96 -24.11 -4.15 5.28
CA ALA A 96 -24.17 -4.56 3.89
C ALA A 96 -25.23 -5.63 3.70
N VAL A 97 -25.33 -6.56 4.66
CA VAL A 97 -26.33 -7.61 4.57
C VAL A 97 -27.73 -7.02 4.71
N ARG A 98 -27.92 -6.06 5.62
CA ARG A 98 -29.23 -5.43 5.69
C ARG A 98 -29.61 -4.83 4.34
N GLY A 99 -28.66 -4.17 3.69
CA GLY A 99 -28.95 -3.58 2.39
C GLY A 99 -29.30 -4.64 1.35
N ILE A 100 -28.54 -5.74 1.33
CA ILE A 100 -28.85 -6.81 0.39
C ILE A 100 -30.27 -7.32 0.60
N LEU A 101 -30.67 -7.45 1.86
CA LEU A 101 -31.98 -8.04 2.16
C LEU A 101 -33.16 -7.12 1.82
N ARG A 102 -32.95 -5.82 1.68
CA ARG A 102 -34.04 -4.96 1.21
C ARG A 102 -33.88 -4.62 -0.25
N ASN A 103 -32.99 -5.34 -0.97
CA ASN A 103 -32.80 -5.12 -2.40
C ASN A 103 -33.52 -6.25 -3.15
N ALA A 104 -34.51 -5.88 -3.95
CA ALA A 104 -35.36 -6.88 -4.58
C ALA A 104 -34.58 -7.77 -5.52
N LYS A 105 -33.50 -7.25 -6.11
CA LYS A 105 -32.70 -7.99 -7.06
C LYS A 105 -31.68 -8.91 -6.38
N LEU A 106 -31.28 -8.63 -5.14
CA LEU A 106 -30.23 -9.42 -4.50
C LEU A 106 -30.76 -10.31 -3.38
N LYS A 107 -31.87 -9.96 -2.76
CA LYS A 107 -32.37 -10.79 -1.67
C LYS A 107 -32.65 -12.22 -2.12
N PRO A 108 -33.36 -12.47 -3.22
CA PRO A 108 -33.64 -13.88 -3.60
C PRO A 108 -32.38 -14.74 -3.75
N VAL A 109 -31.35 -14.23 -4.42
CA VAL A 109 -30.14 -15.01 -4.58
C VAL A 109 -29.43 -15.19 -3.24
N TYR A 110 -29.32 -14.12 -2.45
CA TYR A 110 -28.66 -14.23 -1.17
C TYR A 110 -29.32 -15.29 -0.29
N ASP A 111 -30.64 -15.23 -0.17
CA ASP A 111 -31.37 -16.19 0.65
C ASP A 111 -31.12 -17.62 0.20
N SER A 112 -30.92 -17.83 -1.11
CA SER A 112 -30.78 -19.18 -1.63
C SER A 112 -29.39 -19.75 -1.41
N LEU A 113 -28.40 -18.89 -1.15
CA LEU A 113 -27.00 -19.33 -1.14
C LEU A 113 -26.61 -19.90 0.22
N ASP A 114 -25.69 -20.86 0.19
CA ASP A 114 -25.04 -21.35 1.40
C ASP A 114 -24.12 -20.26 1.96
N ALA A 115 -23.60 -20.51 3.17
CA ALA A 115 -22.86 -19.48 3.89
C ALA A 115 -21.60 -19.07 3.16
N VAL A 116 -20.87 -20.01 2.55
CA VAL A 116 -19.64 -19.67 1.87
C VAL A 116 -19.94 -18.82 0.64
N ARG A 117 -20.93 -19.22 -0.16
CA ARG A 117 -21.27 -18.45 -1.34
C ARG A 117 -21.88 -17.10 -0.95
N ARG A 118 -22.56 -17.01 0.20
CA ARG A 118 -23.01 -15.71 0.65
C ARG A 118 -21.82 -14.77 0.87
N ALA A 119 -20.74 -15.29 1.42
CA ALA A 119 -19.56 -14.46 1.62
C ALA A 119 -19.05 -13.92 0.29
N ALA A 120 -19.09 -14.75 -0.75
CA ALA A 120 -18.66 -14.32 -2.06
C ALA A 120 -19.53 -13.19 -2.60
N LEU A 121 -20.85 -13.27 -2.41
CA LEU A 121 -21.72 -12.18 -2.84
C LEU A 121 -21.44 -10.91 -2.03
N ILE A 122 -21.20 -11.04 -0.73
CA ILE A 122 -20.91 -9.87 0.09
C ILE A 122 -19.61 -9.23 -0.38
N ASN A 123 -18.63 -10.06 -0.69
CA ASN A 123 -17.38 -9.60 -1.27
C ASN A 123 -17.66 -8.71 -2.48
N MET A 124 -18.50 -9.17 -3.40
CA MET A 124 -18.83 -8.38 -4.58
C MET A 124 -19.46 -7.06 -4.19
N VAL A 125 -20.37 -7.08 -3.22
CA VAL A 125 -21.06 -5.84 -2.82
C VAL A 125 -20.07 -4.86 -2.22
N PHE A 126 -19.10 -5.33 -1.45
CA PHE A 126 -18.06 -4.43 -0.96
C PHE A 126 -17.26 -3.81 -2.11
N GLN A 127 -17.01 -4.57 -3.17
CA GLN A 127 -16.17 -4.05 -4.22
C GLN A 127 -16.90 -3.08 -5.13
N MET A 128 -18.16 -3.35 -5.47
CA MET A 128 -18.83 -2.60 -6.53
C MET A 128 -20.21 -2.07 -6.13
N GLY A 129 -20.66 -2.32 -4.90
CA GLY A 129 -21.93 -1.80 -4.43
C GLY A 129 -23.13 -2.61 -4.90
N GLU A 130 -24.28 -2.33 -4.31
CA GLU A 130 -25.48 -3.09 -4.63
C GLU A 130 -25.88 -2.92 -6.09
N THR A 131 -25.87 -1.69 -6.59
CA THR A 131 -26.30 -1.47 -7.97
C THR A 131 -25.38 -2.22 -8.95
N GLY A 132 -24.08 -2.27 -8.66
CA GLY A 132 -23.17 -2.98 -9.51
C GLY A 132 -23.44 -4.47 -9.53
N VAL A 133 -23.63 -5.06 -8.35
CA VAL A 133 -23.88 -6.49 -8.30
C VAL A 133 -25.23 -6.84 -8.92
N ALA A 134 -26.26 -6.02 -8.66
CA ALA A 134 -27.59 -6.28 -9.20
C ALA A 134 -27.60 -6.29 -10.72
N GLY A 135 -26.60 -5.69 -11.37
CA GLY A 135 -26.55 -5.70 -12.81
C GLY A 135 -26.22 -7.06 -13.41
N PHE A 136 -25.67 -7.99 -12.62
CA PHE A 136 -25.31 -9.32 -13.11
C PHE A 136 -26.55 -10.23 -13.18
N THR A 137 -27.59 -9.77 -13.87
CA THR A 137 -28.88 -10.46 -13.82
C THR A 137 -28.74 -11.94 -14.17
N ASN A 138 -28.10 -12.24 -15.31
CA ASN A 138 -28.03 -13.63 -15.77
C ASN A 138 -27.20 -14.49 -14.81
N SER A 139 -26.06 -13.98 -14.37
CA SER A 139 -25.21 -14.74 -13.45
C SER A 139 -25.91 -14.95 -12.11
N LEU A 140 -26.61 -13.93 -11.60
CA LEU A 140 -27.34 -14.09 -10.35
C LEU A 140 -28.42 -15.17 -10.45
N ARG A 141 -29.12 -15.24 -11.59
CA ARG A 141 -30.10 -16.29 -11.80
C ARG A 141 -29.43 -17.66 -11.83
N MET A 142 -28.29 -17.77 -12.50
CA MET A 142 -27.58 -19.04 -12.51
C MET A 142 -27.19 -19.45 -11.11
N LEU A 143 -26.72 -18.50 -10.28
CA LEU A 143 -26.38 -18.82 -8.90
C LEU A 143 -27.61 -19.27 -8.13
N GLN A 144 -28.74 -18.60 -8.33
CA GLN A 144 -29.94 -18.97 -7.60
C GLN A 144 -30.44 -20.35 -8.02
N GLN A 145 -30.16 -20.76 -9.28
CA GLN A 145 -30.51 -22.08 -9.77
C GLN A 145 -29.41 -23.12 -9.53
N LYS A 146 -28.37 -22.75 -8.79
CA LYS A 146 -27.27 -23.63 -8.42
C LYS A 146 -26.52 -24.16 -9.64
N ARG A 147 -26.54 -23.37 -10.73
CA ARG A 147 -25.77 -23.67 -11.93
C ARG A 147 -24.38 -23.05 -11.79
N TRP A 148 -23.57 -23.68 -10.95
CA TRP A 148 -22.32 -23.06 -10.50
C TRP A 148 -21.33 -22.88 -11.63
N ASP A 149 -21.13 -23.92 -12.44
CA ASP A 149 -20.12 -23.80 -13.46
C ASP A 149 -20.50 -22.76 -14.51
N GLU A 150 -21.80 -22.69 -14.86
CA GLU A 150 -22.24 -21.71 -15.84
C GLU A 150 -22.13 -20.30 -15.29
N ALA A 151 -22.47 -20.12 -14.02
CA ALA A 151 -22.29 -18.81 -13.40
C ALA A 151 -20.84 -18.39 -13.41
N ALA A 152 -19.93 -19.33 -13.12
CA ALA A 152 -18.50 -19.01 -13.11
C ALA A 152 -18.04 -18.58 -14.50
N VAL A 153 -18.49 -19.28 -15.53
CA VAL A 153 -18.08 -18.89 -16.87
C VAL A 153 -18.62 -17.51 -17.24
N ASN A 154 -19.88 -17.24 -16.88
CA ASN A 154 -20.47 -15.96 -17.28
C ASN A 154 -19.82 -14.80 -16.54
N LEU A 155 -19.50 -14.99 -15.26
CA LEU A 155 -18.86 -13.93 -14.49
C LEU A 155 -17.47 -13.59 -15.03
N ALA A 156 -16.76 -14.59 -15.54
CA ALA A 156 -15.42 -14.34 -16.07
C ALA A 156 -15.43 -13.49 -17.34
N LYS A 157 -16.57 -13.36 -18.01
CA LYS A 157 -16.68 -12.55 -19.21
C LYS A 157 -16.86 -11.06 -18.91
N SER A 158 -16.92 -10.68 -17.64
CA SER A 158 -17.35 -9.35 -17.26
C SER A 158 -16.15 -8.40 -17.09
N ARG A 159 -16.49 -7.11 -17.12
CA ARG A 159 -15.51 -6.06 -16.84
C ARG A 159 -14.94 -6.21 -15.42
N TRP A 160 -15.77 -6.65 -14.48
CA TRP A 160 -15.28 -6.98 -13.15
C TRP A 160 -14.01 -7.84 -13.22
N TYR A 161 -14.05 -8.90 -14.01
CA TYR A 161 -12.88 -9.77 -14.15
C TYR A 161 -11.68 -9.00 -14.67
N ASN A 162 -11.87 -8.11 -15.64
CA ASN A 162 -10.76 -7.35 -16.20
C ASN A 162 -10.21 -6.32 -15.21
N GLN A 163 -11.05 -5.79 -14.33
CA GLN A 163 -10.57 -4.78 -13.39
C GLN A 163 -9.63 -5.40 -12.33
N THR A 164 -10.03 -6.53 -11.75
CA THR A 164 -9.29 -7.12 -10.64
C THR A 164 -9.26 -8.62 -10.88
N PRO A 165 -8.44 -9.06 -11.82
CA PRO A 165 -8.53 -10.48 -12.22
C PRO A 165 -8.22 -11.48 -11.13
N ASN A 166 -7.26 -11.22 -10.27
CA ASN A 166 -6.88 -12.20 -9.26
C ASN A 166 -7.90 -12.29 -8.15
N ARG A 167 -8.45 -11.18 -7.70
CA ARG A 167 -9.52 -11.20 -6.72
C ARG A 167 -10.78 -11.82 -7.33
N THR A 168 -11.13 -11.39 -8.54
CA THR A 168 -12.32 -11.90 -9.19
C THR A 168 -12.22 -13.41 -9.42
N LYS A 169 -11.04 -13.92 -9.83
CA LYS A 169 -10.86 -15.36 -9.99
C LYS A 169 -11.16 -16.08 -8.66
N ARG A 170 -10.70 -15.55 -7.54
CA ARG A 170 -10.93 -16.24 -6.28
C ARG A 170 -12.40 -16.20 -5.89
N VAL A 171 -13.08 -15.07 -6.12
CA VAL A 171 -14.51 -15.00 -5.78
C VAL A 171 -15.30 -15.96 -6.67
N ILE A 172 -14.97 -16.01 -7.97
CA ILE A 172 -15.64 -16.94 -8.87
C ILE A 172 -15.42 -18.36 -8.44
N THR A 173 -14.19 -18.72 -8.05
CA THR A 173 -13.92 -20.09 -7.59
C THR A 173 -14.77 -20.41 -6.36
N THR A 174 -15.00 -19.41 -5.52
CA THR A 174 -15.84 -19.63 -4.35
C THR A 174 -17.27 -19.92 -4.74
N PHE A 175 -17.79 -19.19 -5.73
CA PHE A 175 -19.12 -19.51 -6.26
C PHE A 175 -19.12 -20.89 -6.93
N ARG A 176 -18.05 -21.24 -7.64
CA ARG A 176 -18.04 -22.50 -8.39
C ARG A 176 -18.05 -23.68 -7.44
N THR A 177 -17.27 -23.59 -6.36
CA THR A 177 -17.04 -24.76 -5.50
C THR A 177 -17.82 -24.73 -4.18
N GLY A 178 -18.19 -23.55 -3.68
CA GLY A 178 -18.79 -23.50 -2.37
C GLY A 178 -17.82 -23.74 -1.24
N THR A 179 -16.53 -23.66 -1.53
CA THR A 179 -15.48 -23.88 -0.56
C THR A 179 -14.57 -22.66 -0.50
N TRP A 180 -13.65 -22.68 0.46
CA TRP A 180 -12.62 -21.66 0.61
C TRP A 180 -11.35 -21.98 -0.15
N ASP A 181 -11.39 -22.97 -1.04
CA ASP A 181 -10.16 -23.45 -1.70
C ASP A 181 -9.30 -22.31 -2.26
N ALA A 182 -9.91 -21.33 -2.91
CA ALA A 182 -9.14 -20.27 -3.55
C ALA A 182 -8.33 -19.47 -2.56
N TYR A 183 -8.86 -19.30 -1.35
CA TYR A 183 -8.18 -18.54 -0.32
C TYR A 183 -7.16 -19.35 0.42
N LYS A 184 -7.43 -20.65 0.63
CA LYS A 184 -6.40 -21.54 1.15
C LYS A 184 -5.21 -21.60 0.20
N ASN A 185 -5.49 -21.67 -1.10
CA ASN A 185 -4.42 -21.77 -2.08
C ASN A 185 -3.61 -20.49 -2.15
N LEU A 186 -4.29 -19.33 -2.06
CA LEU A 186 -3.58 -18.06 -2.10
C LEU A 186 -2.67 -17.96 -0.89
N ARG A 187 -3.21 -18.23 0.30
CA ARG A 187 -2.39 -18.15 1.51
C ARG A 187 -1.17 -19.05 1.38
N LYS A 188 -1.35 -20.29 0.90
CA LYS A 188 -0.21 -21.18 0.80
C LYS A 188 0.80 -20.69 -0.24
N LYS A 189 0.32 -20.15 -1.36
CA LYS A 189 1.24 -19.61 -2.37
C LYS A 189 2.13 -18.50 -1.77
N LEU A 190 1.52 -17.58 -1.04
CA LEU A 190 2.30 -16.48 -0.45
C LEU A 190 3.23 -16.99 0.64
N GLU A 191 2.79 -17.96 1.44
CA GLU A 191 3.67 -18.48 2.49
C GLU A 191 4.86 -19.20 1.88
N GLN A 192 4.62 -19.99 0.83
CA GLN A 192 5.75 -20.69 0.22
C GLN A 192 6.69 -19.73 -0.51
N LEU A 193 6.16 -18.65 -1.11
CA LEU A 193 7.03 -17.66 -1.72
C LEU A 193 7.82 -16.90 -0.65
N TYR A 194 7.16 -16.50 0.43
CA TYR A 194 7.88 -15.86 1.52
C TYR A 194 8.97 -16.77 2.09
N ASN A 195 8.69 -18.06 2.21
CA ASN A 195 9.69 -18.96 2.76
C ASN A 195 10.94 -19.06 1.89
N ARG A 196 10.83 -18.79 0.58
CA ARG A 196 12.01 -18.76 -0.29
C ARG A 196 12.96 -17.64 0.09
N TYR A 197 12.44 -16.57 0.71
CA TYR A 197 13.26 -15.40 0.99
C TYR A 197 13.54 -15.16 2.47
N LYS A 198 12.77 -15.78 3.36
CA LYS A 198 12.87 -15.44 4.78
C LYS A 198 14.25 -15.74 5.33
N ASP A 199 14.64 -14.97 6.35
CA ASP A 199 15.90 -15.18 7.05
C ASP A 199 15.85 -16.51 7.78
N PRO A 200 16.80 -17.42 7.56
CA PRO A 200 16.77 -18.69 8.30
C PRO A 200 16.89 -18.52 9.81
N GLN A 201 17.35 -17.35 10.28
CA GLN A 201 17.51 -17.10 11.70
C GLN A 201 16.45 -16.17 12.27
N ASP A 202 15.50 -15.71 11.45
CA ASP A 202 14.41 -14.85 11.93
C ASP A 202 13.25 -14.99 10.95
N GLU A 203 12.27 -15.83 11.32
CA GLU A 203 11.16 -16.11 10.42
C GLU A 203 10.33 -14.87 10.15
N ASN A 204 10.49 -13.82 10.96
CA ASN A 204 9.65 -12.65 10.87
C ASN A 204 10.14 -11.66 9.83
N LYS A 205 11.28 -11.92 9.19
CA LYS A 205 11.76 -10.99 8.18
C LYS A 205 12.50 -11.72 7.07
N ILE A 206 12.59 -11.05 5.94
CA ILE A 206 13.49 -11.38 4.85
C ILE A 206 14.76 -10.56 5.06
N GLY A 207 15.90 -11.23 5.13
CA GLY A 207 17.18 -10.58 5.37
C GLY A 207 17.87 -10.16 4.11
N ILE A 208 19.14 -9.77 4.27
CA ILE A 208 19.93 -9.26 3.15
C ILE A 208 20.01 -10.32 2.05
N ASP A 209 20.23 -11.59 2.41
CA ASP A 209 20.34 -12.62 1.39
C ASP A 209 19.00 -12.85 0.68
N GLY A 210 17.90 -12.79 1.42
CA GLY A 210 16.59 -12.95 0.79
C GLY A 210 16.27 -11.81 -0.17
N ILE A 211 16.65 -10.60 0.20
CA ILE A 211 16.38 -9.46 -0.69
C ILE A 211 17.17 -9.64 -1.98
N GLN A 212 18.40 -10.14 -1.89
CA GLN A 212 19.20 -10.40 -3.10
C GLN A 212 18.52 -11.43 -3.99
N GLN A 213 18.11 -12.56 -3.40
CA GLN A 213 17.38 -13.57 -4.16
C GLN A 213 16.12 -13.00 -4.79
N PHE A 214 15.39 -12.19 -4.03
CA PHE A 214 14.21 -11.51 -4.54
C PHE A 214 14.53 -10.66 -5.75
N CYS A 215 15.60 -9.87 -5.66
CA CYS A 215 15.99 -9.05 -6.80
C CYS A 215 16.42 -9.91 -7.99
N ASP A 216 17.15 -11.01 -7.71
CA ASP A 216 17.56 -11.89 -8.79
C ASP A 216 16.35 -12.50 -9.47
N ASP A 217 15.35 -12.93 -8.68
CA ASP A 217 14.17 -13.55 -9.27
C ASP A 217 13.42 -12.55 -10.14
N LEU A 218 13.50 -11.25 -9.78
CA LEU A 218 12.86 -10.20 -10.57
C LEU A 218 13.77 -9.64 -11.66
N ALA A 219 14.97 -10.18 -11.80
CA ALA A 219 15.91 -9.75 -12.84
C ALA A 219 16.22 -8.26 -12.70
N LEU A 220 16.44 -7.84 -11.46
CA LEU A 220 16.74 -6.44 -11.18
C LEU A 220 18.15 -6.32 -10.64
N ASP A 221 18.86 -5.27 -11.07
CA ASP A 221 20.13 -4.92 -10.46
C ASP A 221 19.86 -4.48 -9.03
N PRO A 222 20.47 -5.12 -8.03
CA PRO A 222 20.14 -4.78 -6.64
C PRO A 222 20.46 -3.36 -6.24
N ALA A 223 21.17 -2.59 -7.06
CA ALA A 223 21.45 -1.19 -6.76
C ALA A 223 20.61 -0.23 -7.60
N SER A 224 19.67 -0.75 -8.39
CA SER A 224 18.84 0.07 -9.24
C SER A 224 17.74 0.77 -8.44
N ILE A 225 17.27 1.90 -8.98
CA ILE A 225 16.19 2.61 -8.32
C ILE A 225 14.92 1.77 -8.29
N SER A 226 14.77 0.83 -9.21
CA SER A 226 13.56 0.03 -9.22
C SER A 226 13.36 -0.71 -7.91
N VAL A 227 14.45 -1.12 -7.26
CA VAL A 227 14.34 -1.82 -5.98
C VAL A 227 13.77 -0.90 -4.93
N LEU A 228 14.23 0.35 -4.91
CA LEU A 228 13.71 1.31 -3.95
C LEU A 228 12.24 1.63 -4.23
N ILE A 229 11.87 1.70 -5.51
CA ILE A 229 10.47 1.89 -5.87
C ILE A 229 9.61 0.75 -5.33
N ILE A 230 10.10 -0.48 -5.44
CA ILE A 230 9.35 -1.60 -4.89
C ILE A 230 9.22 -1.47 -3.38
N ALA A 231 10.33 -1.14 -2.70
CA ALA A 231 10.27 -0.93 -1.25
C ALA A 231 9.25 0.12 -0.87
N TRP A 232 9.20 1.22 -1.63
CA TRP A 232 8.19 2.25 -1.44
C TRP A 232 6.78 1.69 -1.56
N LYS A 233 6.50 0.90 -2.61
CA LYS A 233 5.17 0.34 -2.76
C LYS A 233 4.84 -0.66 -1.66
N PHE A 234 5.84 -1.34 -1.10
CA PHE A 234 5.65 -2.24 0.02
C PHE A 234 5.66 -1.52 1.36
N ARG A 235 5.84 -0.20 1.36
CA ARG A 235 5.87 0.59 2.59
C ARG A 235 6.89 0.05 3.59
N ALA A 236 8.03 -0.39 3.06
CA ALA A 236 9.07 -0.95 3.90
C ALA A 236 9.55 0.10 4.90
N ALA A 237 9.79 -0.36 6.14
CA ALA A 237 10.18 0.59 7.18
C ALA A 237 11.67 0.93 7.16
N THR A 238 12.54 0.00 6.78
CA THR A 238 13.97 0.23 6.89
C THR A 238 14.71 -0.60 5.84
N GLN A 239 15.81 -0.05 5.36
CA GLN A 239 16.60 -0.75 4.34
C GLN A 239 17.28 -1.98 4.94
N CYS A 240 17.52 -2.98 4.09
CA CYS A 240 18.16 -4.25 4.40
C CYS A 240 17.27 -5.19 5.21
N GLU A 241 16.06 -4.78 5.56
CA GLU A 241 15.07 -5.64 6.19
C GLU A 241 13.78 -5.58 5.38
N PHE A 242 13.04 -6.69 5.36
CA PHE A 242 11.77 -6.77 4.67
C PHE A 242 10.89 -7.66 5.54
N SER A 243 10.01 -7.04 6.33
CA SER A 243 9.26 -7.83 7.30
C SER A 243 8.22 -8.73 6.61
N LYS A 244 7.83 -9.78 7.32
CA LYS A 244 6.78 -10.65 6.81
C LYS A 244 5.48 -9.87 6.55
N GLN A 245 5.11 -8.97 7.49
CA GLN A 245 3.90 -8.17 7.28
C GLN A 245 4.04 -7.27 6.05
N GLU A 246 5.23 -6.69 5.84
CA GLU A 246 5.44 -5.85 4.66
C GLU A 246 5.28 -6.66 3.38
N PHE A 247 5.87 -7.84 3.36
CA PHE A 247 5.79 -8.69 2.16
C PHE A 247 4.36 -9.10 1.88
N MET A 248 3.63 -9.58 2.88
CA MET A 248 2.25 -10.00 2.69
C MET A 248 1.34 -8.83 2.35
N ASP A 249 1.49 -7.72 3.06
CA ASP A 249 0.64 -6.57 2.76
C ASP A 249 0.90 -6.03 1.36
N GLY A 250 2.18 -6.01 0.94
CA GLY A 250 2.53 -5.52 -0.38
C GLY A 250 2.01 -6.39 -1.51
N MET A 251 2.23 -7.70 -1.41
CA MET A 251 1.71 -8.61 -2.42
C MET A 251 0.19 -8.52 -2.50
N THR A 252 -0.47 -8.33 -1.36
CA THR A 252 -1.92 -8.18 -1.34
C THR A 252 -2.35 -6.89 -2.04
N GLU A 253 -1.71 -5.78 -1.71
CA GLU A 253 -2.13 -4.51 -2.27
C GLU A 253 -1.82 -4.43 -3.75
N LEU A 254 -0.75 -5.09 -4.19
CA LEU A 254 -0.39 -5.08 -5.60
C LEU A 254 -1.14 -6.12 -6.39
N GLY A 255 -1.92 -6.98 -5.72
CA GLY A 255 -2.67 -8.02 -6.43
C GLY A 255 -1.84 -9.13 -7.04
N CYS A 256 -0.74 -9.49 -6.40
CA CYS A 256 0.19 -10.46 -6.95
C CYS A 256 0.35 -11.65 -6.01
N ASP A 257 0.30 -12.86 -6.57
CA ASP A 257 0.58 -14.05 -5.77
C ASP A 257 1.75 -14.83 -6.35
N SER A 258 2.55 -14.19 -7.19
CA SER A 258 3.67 -14.83 -7.85
C SER A 258 4.70 -13.78 -8.26
N ILE A 259 5.94 -14.25 -8.42
CA ILE A 259 7.00 -13.36 -8.90
C ILE A 259 6.68 -12.86 -10.32
N GLU A 260 6.13 -13.74 -11.17
CA GLU A 260 5.81 -13.30 -12.52
C GLU A 260 4.85 -12.12 -12.50
N LYS A 261 3.85 -12.17 -11.61
CA LYS A 261 2.88 -11.09 -11.55
C LYS A 261 3.51 -9.84 -10.98
N LEU A 262 4.36 -10.00 -9.97
CA LEU A 262 5.05 -8.83 -9.43
C LEU A 262 5.97 -8.18 -10.48
N LYS A 263 6.70 -9.00 -11.24
CA LYS A 263 7.54 -8.46 -12.32
C LYS A 263 6.73 -7.59 -13.28
N ALA A 264 5.53 -8.03 -13.63
CA ALA A 264 4.69 -7.27 -14.54
C ALA A 264 4.19 -5.98 -13.91
N GLN A 265 4.16 -5.91 -12.57
CA GLN A 265 3.68 -4.72 -11.88
C GLN A 265 4.74 -3.63 -11.78
N ILE A 266 6.03 -3.99 -11.89
CA ILE A 266 7.09 -3.00 -11.71
C ILE A 266 6.95 -1.81 -12.67
N PRO A 267 6.70 -2.02 -13.96
CA PRO A 267 6.56 -0.82 -14.83
C PRO A 267 5.39 0.06 -14.44
N LYS A 268 4.33 -0.52 -13.85
CA LYS A 268 3.21 0.29 -13.41
C LYS A 268 3.59 1.12 -12.20
N MET A 269 4.44 0.57 -11.33
CA MET A 269 4.93 1.35 -10.19
C MET A 269 5.79 2.50 -10.69
N GLU A 270 6.66 2.22 -11.66
CA GLU A 270 7.54 3.25 -12.20
C GLU A 270 6.73 4.38 -12.82
N GLN A 271 5.66 4.02 -13.53
CA GLN A 271 4.84 5.01 -14.22
C GLN A 271 4.14 5.91 -13.22
N GLU A 272 3.76 5.37 -12.06
CA GLU A 272 3.13 6.18 -11.02
C GLU A 272 4.02 7.35 -10.62
N LEU A 273 5.34 7.19 -10.71
CA LEU A 273 6.26 8.25 -10.29
C LEU A 273 6.28 9.44 -11.24
N LYS A 274 5.72 9.30 -12.44
CA LYS A 274 5.66 10.41 -13.37
C LYS A 274 4.82 11.56 -12.85
N GLU A 275 4.00 11.32 -11.83
CA GLU A 275 3.24 12.38 -11.20
C GLU A 275 4.08 13.08 -10.14
N PRO A 276 4.22 14.39 -10.19
CA PRO A 276 5.05 15.06 -9.16
C PRO A 276 4.59 14.77 -7.75
N GLY A 277 3.27 14.66 -7.52
CA GLY A 277 2.78 14.37 -6.18
C GLY A 277 3.24 13.02 -5.70
N ARG A 278 3.24 12.04 -6.60
CA ARG A 278 3.68 10.70 -6.24
C ARG A 278 5.20 10.63 -6.10
N PHE A 279 5.94 11.32 -6.95
CA PHE A 279 7.40 11.35 -6.74
C PHE A 279 7.73 12.00 -5.41
N LYS A 280 7.03 13.08 -5.04
CA LYS A 280 7.23 13.70 -3.73
C LYS A 280 7.02 12.69 -2.61
N ASP A 281 5.96 11.87 -2.70
CA ASP A 281 5.71 10.85 -1.68
C ASP A 281 6.86 9.86 -1.64
N PHE A 282 7.30 9.41 -2.81
CA PHE A 282 8.44 8.51 -2.93
C PHE A 282 9.69 9.14 -2.34
N TYR A 283 9.96 10.39 -2.72
CA TYR A 283 11.17 11.07 -2.25
C TYR A 283 11.15 11.20 -0.73
N GLN A 284 10.00 11.52 -0.17
CA GLN A 284 9.98 11.71 1.28
C GLN A 284 10.04 10.38 2.01
N PHE A 285 9.44 9.33 1.42
CA PHE A 285 9.54 7.98 1.95
C PHE A 285 10.98 7.56 2.11
N THR A 286 11.82 7.92 1.14
CA THR A 286 13.22 7.48 1.12
C THR A 286 13.96 7.91 2.38
N PHE A 287 13.64 9.08 2.93
CA PHE A 287 14.35 9.51 4.14
C PHE A 287 14.14 8.53 5.30
N ASN A 288 12.88 8.21 5.61
CA ASN A 288 12.63 7.35 6.75
C ASN A 288 13.13 5.95 6.48
N PHE A 289 13.07 5.54 5.21
CA PHE A 289 13.54 4.21 4.84
C PHE A 289 15.05 4.09 5.02
N ALA A 290 15.81 5.10 4.62
CA ALA A 290 17.27 5.03 4.66
C ALA A 290 17.82 5.25 6.06
N LYS A 291 17.11 5.98 6.90
CA LYS A 291 17.65 6.35 8.21
C LYS A 291 17.72 5.12 9.11
N ASN A 292 18.75 5.09 9.96
CA ASN A 292 18.86 4.05 10.98
C ASN A 292 17.68 4.21 11.95
N PRO A 293 16.95 3.14 12.27
CA PRO A 293 15.81 3.30 13.19
C PRO A 293 16.20 3.89 14.53
N GLY A 294 17.42 3.62 15.01
CA GLY A 294 17.87 4.15 16.27
C GLY A 294 18.28 5.61 16.26
N GLN A 295 18.36 6.22 15.08
CA GLN A 295 18.74 7.62 14.94
C GLN A 295 17.54 8.47 14.59
N LYS A 296 17.67 9.77 14.87
CA LYS A 296 16.63 10.72 14.52
C LYS A 296 16.86 11.37 13.16
N GLY A 297 18.13 11.55 12.77
CA GLY A 297 18.49 12.09 11.48
C GLY A 297 19.22 11.06 10.63
N LEU A 298 19.47 11.46 9.39
CA LEU A 298 20.12 10.60 8.40
C LEU A 298 21.59 10.99 8.23
N ASP A 299 22.48 10.01 8.39
CA ASP A 299 23.91 10.27 8.22
C ASP A 299 24.16 10.87 6.84
N LEU A 300 25.04 11.88 6.81
CA LEU A 300 25.29 12.60 5.56
C LEU A 300 25.74 11.65 4.45
N GLU A 301 26.61 10.69 4.75
CA GLU A 301 27.09 9.79 3.70
C GLU A 301 25.95 8.96 3.13
N MET A 302 25.03 8.50 3.98
CA MET A 302 23.87 7.77 3.48
C MET A 302 22.91 8.68 2.72
N ALA A 303 22.76 9.92 3.17
CA ALA A 303 21.93 10.86 2.46
C ALA A 303 22.46 11.12 1.06
N ILE A 304 23.78 11.27 0.94
CA ILE A 304 24.38 11.49 -0.38
C ILE A 304 24.08 10.32 -1.30
N ALA A 305 24.23 9.09 -0.78
CA ALA A 305 24.01 7.90 -1.59
C ALA A 305 22.58 7.84 -2.11
N TYR A 306 21.60 8.09 -1.25
CA TYR A 306 20.21 8.05 -1.70
C TYR A 306 19.83 9.24 -2.55
N TRP A 307 20.35 10.44 -2.25
CA TRP A 307 20.14 11.59 -3.11
C TRP A 307 20.61 11.30 -4.54
N ASN A 308 21.77 10.68 -4.68
CA ASN A 308 22.29 10.40 -6.02
C ASN A 308 21.43 9.38 -6.75
N LEU A 309 20.86 8.43 -6.01
CA LEU A 309 19.96 7.46 -6.62
C LEU A 309 18.66 8.11 -7.11
N VAL A 310 18.03 8.93 -6.27
CA VAL A 310 16.68 9.36 -6.56
C VAL A 310 16.60 10.71 -7.27
N LEU A 311 17.64 11.54 -7.18
CA LEU A 311 17.62 12.86 -7.80
C LEU A 311 18.46 12.97 -9.07
N ASN A 312 19.20 11.93 -9.48
CA ASN A 312 19.99 12.05 -10.70
C ASN A 312 19.06 12.20 -11.89
N GLY A 313 19.31 13.23 -12.71
CA GLY A 313 18.43 13.53 -13.81
C GLY A 313 17.23 14.38 -13.46
N ARG A 314 17.00 14.67 -12.20
CA ARG A 314 15.90 15.53 -11.74
C ARG A 314 16.38 16.80 -11.08
N PHE A 315 17.51 16.77 -10.39
CA PHE A 315 18.04 17.93 -9.67
C PHE A 315 19.20 18.46 -10.50
N LYS A 316 19.02 19.65 -11.11
CA LYS A 316 20.00 20.11 -12.08
C LYS A 316 21.33 20.50 -11.46
N PHE A 317 21.41 20.65 -10.15
CA PHE A 317 22.65 20.99 -9.47
C PHE A 317 23.19 19.84 -8.63
N LEU A 318 22.74 18.62 -8.89
CA LEU A 318 23.19 17.47 -8.10
C LEU A 318 24.71 17.33 -8.06
N ASP A 319 25.41 17.58 -9.17
CA ASP A 319 26.85 17.41 -9.15
C ASP A 319 27.50 18.44 -8.23
N LEU A 320 27.02 19.69 -8.29
CA LEU A 320 27.53 20.74 -7.40
C LEU A 320 27.15 20.46 -5.95
N TRP A 321 25.93 19.94 -5.73
CA TRP A 321 25.51 19.51 -4.40
C TRP A 321 26.49 18.49 -3.84
N ASN A 322 26.91 17.54 -4.66
CA ASN A 322 27.87 16.56 -4.18
C ASN A 322 29.18 17.20 -3.77
N LYS A 323 29.71 18.05 -4.63
CA LYS A 323 30.98 18.71 -4.29
C LYS A 323 30.84 19.50 -3.01
N PHE A 324 29.74 20.24 -2.87
CA PHE A 324 29.48 21.03 -1.67
C PHE A 324 29.51 20.15 -0.44
N LEU A 325 28.76 19.06 -0.45
CA LEU A 325 28.63 18.23 0.74
C LEU A 325 29.91 17.47 1.07
N LEU A 326 30.70 17.11 0.06
CA LEU A 326 31.90 16.32 0.33
C LEU A 326 33.00 17.14 1.00
N GLU A 327 32.89 18.46 0.97
CA GLU A 327 33.79 19.32 1.71
C GLU A 327 33.24 19.72 3.07
N HIS A 328 32.02 19.35 3.39
CA HIS A 328 31.40 19.72 4.66
C HIS A 328 31.76 18.69 5.74
N HIS A 329 31.54 19.08 6.99
CA HIS A 329 31.84 18.20 8.10
C HIS A 329 30.71 17.19 8.29
N LYS A 330 31.01 16.13 9.04
CA LYS A 330 30.00 15.12 9.33
C LYS A 330 28.81 15.76 10.02
N ARG A 331 27.61 15.45 9.52
CA ARG A 331 26.40 16.02 10.06
C ARG A 331 25.26 15.00 9.87
N SER A 332 24.23 15.16 10.67
CA SER A 332 23.00 14.37 10.56
C SER A 332 21.96 15.24 9.85
N ILE A 333 21.46 14.76 8.72
CA ILE A 333 20.47 15.50 7.94
C ILE A 333 19.08 15.29 8.54
N PRO A 334 18.42 16.34 9.03
CA PRO A 334 17.08 16.18 9.55
C PRO A 334 16.05 16.04 8.43
N LYS A 335 14.88 15.51 8.80
CA LYS A 335 13.83 15.26 7.82
C LYS A 335 13.43 16.54 7.09
N ASP A 336 13.35 17.67 7.80
CA ASP A 336 12.90 18.89 7.14
C ASP A 336 13.88 19.34 6.06
N THR A 337 15.17 19.19 6.31
CA THR A 337 16.17 19.54 5.30
C THR A 337 16.07 18.62 4.08
N TRP A 338 15.92 17.33 4.31
CA TRP A 338 15.71 16.40 3.20
C TRP A 338 14.50 16.84 2.38
N ASN A 339 13.38 17.13 3.04
CA ASN A 339 12.16 17.39 2.29
C ASN A 339 12.30 18.66 1.47
N LEU A 340 12.87 19.71 2.07
CA LEU A 340 12.94 20.98 1.39
C LEU A 340 13.93 21.00 0.24
N LEU A 341 14.86 20.05 0.17
CA LEU A 341 15.75 20.03 -0.99
C LEU A 341 14.94 19.83 -2.29
N LEU A 342 13.88 19.03 -2.24
CA LEU A 342 13.06 18.82 -3.43
C LEU A 342 12.32 20.11 -3.79
N ASP A 343 11.81 20.83 -2.79
CA ASP A 343 11.19 22.11 -3.08
C ASP A 343 12.19 23.09 -3.68
N PHE A 344 13.41 23.09 -3.18
CA PHE A 344 14.46 23.93 -3.75
C PHE A 344 14.71 23.56 -5.21
N SER A 345 14.84 22.27 -5.49
CA SER A 345 15.09 21.82 -6.85
C SER A 345 13.97 22.25 -7.80
N THR A 346 12.73 22.25 -7.31
CA THR A 346 11.60 22.59 -8.15
C THR A 346 11.56 24.06 -8.54
N MET A 347 11.89 24.95 -7.59
CA MET A 347 11.71 26.37 -7.86
C MET A 347 12.95 27.04 -8.45
N ILE A 348 14.13 26.45 -8.26
CA ILE A 348 15.37 27.21 -8.48
C ILE A 348 15.60 27.41 -9.97
N ALA A 349 15.98 28.64 -10.32
CA ALA A 349 16.32 28.99 -11.69
C ALA A 349 17.63 28.32 -12.10
N ASP A 350 17.82 28.26 -13.42
CA ASP A 350 19.00 27.59 -13.94
C ASP A 350 20.30 28.24 -13.47
N ASP A 351 20.27 29.52 -13.10
CA ASP A 351 21.44 30.21 -12.58
C ASP A 351 21.27 30.63 -11.12
N MET A 352 20.30 30.05 -10.43
CA MET A 352 19.98 30.35 -9.02
C MET A 352 19.66 31.82 -8.78
N SER A 353 19.31 32.58 -9.81
CA SER A 353 19.10 34.02 -9.66
C SER A 353 17.81 34.36 -8.93
N ASN A 354 16.92 33.38 -8.70
CA ASN A 354 15.63 33.64 -8.06
C ASN A 354 15.57 33.10 -6.63
N TYR A 355 16.71 32.77 -6.04
CA TYR A 355 16.70 32.28 -4.67
C TYR A 355 16.29 33.40 -3.70
N ASP A 356 15.39 33.07 -2.79
CA ASP A 356 14.91 34.00 -1.77
C ASP A 356 15.56 33.65 -0.44
N GLU A 357 16.58 34.42 -0.07
CA GLU A 357 17.29 34.19 1.19
C GLU A 357 16.40 34.30 2.42
N GLU A 358 15.26 34.99 2.34
CA GLU A 358 14.35 35.11 3.45
C GLU A 358 13.28 34.03 3.44
N GLY A 359 13.45 32.99 2.60
CA GLY A 359 12.45 31.94 2.47
C GLY A 359 12.46 30.86 3.54
N ALA A 360 13.29 30.99 4.56
CA ALA A 360 13.36 30.02 5.64
C ALA A 360 13.82 28.63 5.15
N TRP A 361 14.64 28.62 4.12
CA TRP A 361 15.31 27.40 3.73
C TRP A 361 16.26 26.95 4.81
N PRO A 362 16.63 25.68 4.84
CA PRO A 362 17.68 25.25 5.78
C PRO A 362 18.97 26.03 5.54
N VAL A 363 19.73 26.24 6.62
CA VAL A 363 21.04 26.86 6.49
C VAL A 363 21.90 26.12 5.48
N LEU A 364 21.76 24.80 5.41
CA LEU A 364 22.53 24.02 4.45
C LEU A 364 22.32 24.49 3.03
N ILE A 365 21.07 24.83 2.69
CA ILE A 365 20.75 25.30 1.34
C ILE A 365 21.15 26.75 1.17
N ASP A 366 21.02 27.58 2.22
CA ASP A 366 21.58 28.91 2.11
C ASP A 366 23.06 28.85 1.76
N ASP A 367 23.80 28.05 2.52
CA ASP A 367 25.23 27.93 2.28
C ASP A 367 25.53 27.37 0.88
N PHE A 368 24.70 26.43 0.41
CA PHE A 368 24.93 25.85 -0.91
C PHE A 368 24.82 26.91 -2.01
N VAL A 369 23.82 27.78 -1.91
CA VAL A 369 23.65 28.81 -2.94
C VAL A 369 24.88 29.72 -2.97
N GLU A 370 25.40 30.07 -1.80
CA GLU A 370 26.63 30.85 -1.75
C GLU A 370 27.80 30.08 -2.33
N PHE A 371 27.88 28.78 -2.05
CA PHE A 371 28.99 27.97 -2.51
C PHE A 371 28.98 27.82 -4.02
N ALA A 372 27.80 27.81 -4.65
CA ALA A 372 27.72 27.59 -6.08
C ALA A 372 28.09 28.82 -6.88
N ARG A 373 28.36 29.94 -6.20
CA ARG A 373 28.65 31.18 -6.91
C ARG A 373 29.86 31.09 -7.83
N PRO A 374 31.02 30.58 -7.38
CA PRO A 374 32.18 30.49 -8.31
C PRO A 374 31.87 29.66 -9.54
N GLN A 375 31.14 28.55 -9.36
CA GLN A 375 30.79 27.72 -10.52
C GLN A 375 29.87 28.48 -11.46
N ILE A 376 28.81 29.09 -10.92
CA ILE A 376 27.84 29.78 -11.77
C ILE A 376 28.52 30.89 -12.57
N ALA A 377 29.39 31.67 -11.92
CA ALA A 377 30.08 32.74 -12.64
C ALA A 377 31.02 32.20 -13.71
N GLY A 378 31.69 31.08 -13.42
CA GLY A 378 32.60 30.51 -14.40
C GLY A 378 31.90 30.09 -15.68
N THR A 379 30.73 29.45 -15.56
CA THR A 379 30.01 29.02 -16.74
C THR A 379 29.46 30.20 -17.53
N LYS A 380 29.14 31.32 -16.85
CA LYS A 380 28.67 32.51 -17.55
C LYS A 380 29.80 33.21 -18.28
N SER A 381 31.05 32.99 -17.89
CA SER A 381 32.19 33.62 -18.53
C SER A 381 32.78 32.71 -19.61
#